data_5EIT
#
_entry.id   5EIT
#
_cell.length_a   55.708
_cell.length_b   82.309
_cell.length_c   58.437
_cell.angle_alpha   90.000
_cell.angle_beta   111.030
_cell.angle_gamma   90.000
#
_symmetry.space_group_name_H-M   'P 1 21 1'
#
loop_
_entity.id
_entity.type
_entity.pdbx_description
1 polymer 'Estrogen receptor'
2 polymer NCOA2
3 non-polymer 2-(4-hydroxyphenyl)-3-(trifluoromethyl)imidazo[1,2-a]pyridin-6-ol
4 water water
#
loop_
_entity_poly.entity_id
_entity_poly.type
_entity_poly.pdbx_seq_one_letter_code
_entity_poly.pdbx_strand_id
1 'polypeptide(L)'
;IKRSKKNSLALSLTADQMVSALLDAEPPILYSEYDPTRPFSEASMMGLLTNLADRELVHMINWAKRVPGFVDLTLHDQVH
LLECAWLEILMIGLVWRSMEHPGKLLFAPNLLLDRNQGKCVEGMVEIFDMLLATSSRFRMMNLQGEEFVCLKSIILLNSG
VYTFLSSTLKSLEEKDHIHRVLDKITDTLIHLMAKAGLTLQQQHQRLAQLLLILSHIRHMSNKGMEHLYSMKCKNVVPLS
DLLLEMLDAHRLHAPTS
;
A,B
2 'polypeptide(L)' KHKILHRLLQDSSS C,D
#
loop_
_chem_comp.id
_chem_comp.type
_chem_comp.name
_chem_comp.formula
5P1 non-polymer 2-(4-hydroxyphenyl)-3-(trifluoromethyl)imidazo[1,2-a]pyridin-6-ol 'C14 H9 F3 N2 O2'
#
# COMPACT_ATOMS: atom_id res chain seq x y z
N SER A 8 28.95 2.84 -0.88
CA SER A 8 27.88 3.05 0.09
C SER A 8 28.25 2.47 1.45
N LEU A 9 28.29 3.34 2.46
CA LEU A 9 28.66 2.92 3.81
C LEU A 9 27.51 2.23 4.52
N ALA A 10 26.35 2.20 3.88
CA ALA A 10 25.16 1.60 4.47
C ALA A 10 25.18 0.08 4.43
N LEU A 11 25.93 -0.47 3.48
CA LEU A 11 25.95 -1.92 3.27
C LEU A 11 26.86 -2.63 4.25
N SER A 12 27.90 -1.96 4.70
CA SER A 12 28.86 -2.57 5.61
C SER A 12 28.46 -2.36 7.08
N LEU A 13 27.36 -1.66 7.29
CA LEU A 13 26.86 -1.41 8.63
C LEU A 13 26.29 -2.67 9.26
N THR A 14 26.64 -2.92 10.52
CA THR A 14 26.07 -4.04 11.26
C THR A 14 24.62 -3.74 11.58
N ALA A 15 23.90 -4.74 12.07
CA ALA A 15 22.50 -4.57 12.43
C ALA A 15 22.34 -3.55 13.55
N ASP A 16 23.21 -3.63 14.54
CA ASP A 16 23.18 -2.69 15.66
C ASP A 16 23.56 -1.29 15.20
N GLN A 17 24.51 -1.20 14.28
CA GLN A 17 24.93 0.07 13.72
C GLN A 17 23.82 0.68 12.87
N MET A 18 22.96 -0.17 12.33
CA MET A 18 21.81 0.30 11.56
C MET A 18 20.74 0.86 12.49
N VAL A 19 20.47 0.13 13.57
CA VAL A 19 19.50 0.57 14.58
C VAL A 19 19.94 1.88 15.24
N SER A 20 21.22 1.94 15.60
CA SER A 20 21.80 3.11 16.24
C SER A 20 21.73 4.35 15.32
N ALA A 21 21.88 4.12 14.03
CA ALA A 21 21.87 5.21 13.06
C ALA A 21 20.46 5.76 12.88
N LEU A 22 19.47 4.88 12.85
CA LEU A 22 18.09 5.28 12.65
C LEU A 22 17.52 5.98 13.87
N LEU A 23 17.83 5.47 15.05
CA LEU A 23 17.38 6.06 16.31
C LEU A 23 17.89 7.49 16.48
N ASP A 24 19.16 7.69 16.16
CA ASP A 24 19.78 9.00 16.29
C ASP A 24 19.25 9.98 15.24
N ALA A 25 18.75 9.43 14.14
CA ALA A 25 18.25 10.23 13.03
C ALA A 25 16.83 10.73 13.27
N GLU A 26 16.20 10.24 14.34
CA GLU A 26 14.81 10.56 14.64
C GLU A 26 14.55 12.05 14.76
N PRO A 27 13.56 12.55 14.01
CA PRO A 27 13.14 13.95 14.05
C PRO A 27 12.47 14.27 15.37
N PRO A 28 12.49 15.55 15.78
CA PRO A 28 11.87 15.96 17.04
C PRO A 28 10.35 15.90 16.97
N ILE A 29 9.71 15.90 18.14
CA ILE A 29 8.26 15.99 18.19
C ILE A 29 7.85 17.45 18.32
N LEU A 30 7.32 18.00 17.24
CA LEU A 30 6.96 19.42 17.20
C LEU A 30 5.63 19.67 17.88
N TYR A 31 5.42 20.91 18.29
CA TYR A 31 4.16 21.30 18.91
C TYR A 31 3.28 22.01 17.90
N SER A 32 1.97 21.94 18.10
CA SER A 32 1.02 22.61 17.24
C SER A 32 1.16 24.12 17.41
N GLU A 33 0.86 24.86 16.34
CA GLU A 33 0.81 26.32 16.44
C GLU A 33 -0.34 26.76 17.34
N TYR A 34 -1.08 25.79 17.85
CA TYR A 34 -2.18 26.07 18.77
C TYR A 34 -1.77 25.83 20.21
N ASP A 35 -1.81 26.90 21.00
CA ASP A 35 -2.03 26.78 22.44
C ASP A 35 -3.22 27.64 22.90
N PRO A 36 -3.83 28.44 21.98
CA PRO A 36 -5.19 28.81 22.43
C PRO A 36 -6.16 27.63 22.33
N THR A 37 -6.91 27.40 23.40
CA THR A 37 -7.98 26.41 23.38
C THR A 37 -9.24 27.12 22.90
N ARG A 38 -9.69 26.73 21.71
CA ARG A 38 -10.83 27.37 21.08
C ARG A 38 -11.45 26.39 20.09
N PRO A 39 -12.52 25.70 20.53
CA PRO A 39 -13.29 24.64 19.86
C PRO A 39 -13.23 24.74 18.34
N PHE A 40 -12.76 23.69 17.68
CA PHE A 40 -12.31 23.78 16.29
C PHE A 40 -13.43 23.92 15.24
N SER A 41 -13.22 24.82 14.29
CA SER A 41 -14.01 24.86 13.05
C SER A 41 -13.26 24.06 11.99
N GLU A 42 -13.77 24.04 10.76
CA GLU A 42 -13.14 23.25 9.71
C GLU A 42 -11.81 23.87 9.27
N ALA A 43 -11.82 25.17 9.05
CA ALA A 43 -10.65 25.92 8.64
C ALA A 43 -9.60 25.97 9.75
N SER A 44 -10.07 25.84 10.99
CA SER A 44 -9.19 25.89 12.15
C SER A 44 -8.36 24.61 12.29
N MET A 45 -9.02 23.47 12.14
CA MET A 45 -8.34 22.18 12.28
C MET A 45 -7.42 21.89 11.10
N MET A 46 -7.89 22.19 9.90
CA MET A 46 -7.06 22.02 8.71
C MET A 46 -5.84 22.92 8.76
N GLY A 47 -6.00 24.09 9.36
CA GLY A 47 -4.91 25.02 9.53
C GLY A 47 -3.82 24.45 10.42
N LEU A 48 -4.23 23.81 11.51
CA LEU A 48 -3.28 23.24 12.47
C LEU A 48 -2.50 22.08 11.87
N LEU A 49 -3.21 21.21 11.16
CA LEU A 49 -2.60 20.03 10.56
C LEU A 49 -1.56 20.40 9.50
N THR A 50 -1.94 21.31 8.60
CA THR A 50 -1.06 21.70 7.51
C THR A 50 0.13 22.52 8.03
N ASN A 51 -0.12 23.36 9.02
CA ASN A 51 0.95 24.15 9.63
C ASN A 51 1.97 23.25 10.31
N LEU A 52 1.47 22.22 11.00
CA LEU A 52 2.32 21.25 11.66
C LEU A 52 3.11 20.43 10.65
N ALA A 53 2.43 20.00 9.60
CA ALA A 53 3.04 19.20 8.53
C ALA A 53 4.12 20.00 7.80
N ASP A 54 3.86 21.29 7.59
CA ASP A 54 4.80 22.15 6.90
C ASP A 54 6.10 22.31 7.69
N ARG A 55 5.99 22.28 9.01
CA ARG A 55 7.17 22.36 9.89
C ARG A 55 7.82 20.98 10.08
N GLU A 56 7.01 19.92 10.07
CA GLU A 56 7.51 18.55 10.19
C GLU A 56 8.29 18.14 8.94
N LEU A 57 7.87 18.64 7.79
CA LEU A 57 8.52 18.30 6.52
C LEU A 57 9.99 18.68 6.52
N VAL A 58 10.32 19.81 7.15
CA VAL A 58 11.68 20.30 7.21
C VAL A 58 12.60 19.34 7.95
N HIS A 59 12.12 18.80 9.06
CA HIS A 59 12.89 17.86 9.85
C HIS A 59 12.95 16.49 9.18
N MET A 60 11.96 16.21 8.33
CA MET A 60 11.92 14.95 7.60
C MET A 60 13.08 14.84 6.60
N ILE A 61 13.40 15.97 5.97
CA ILE A 61 14.50 16.02 5.00
C ILE A 61 15.83 15.76 5.71
N ASN A 62 15.98 16.35 6.89
CA ASN A 62 17.16 16.11 7.73
C ASN A 62 17.27 14.65 8.12
N TRP A 63 16.12 14.05 8.41
CA TRP A 63 16.06 12.65 8.84
C TRP A 63 16.39 11.71 7.68
N ALA A 64 15.85 12.01 6.51
CA ALA A 64 16.10 11.20 5.32
C ALA A 64 17.58 11.16 5.00
N LYS A 65 18.23 12.32 5.09
CA LYS A 65 19.66 12.43 4.81
C LYS A 65 20.50 11.62 5.79
N ARG A 66 19.94 11.32 6.96
CA ARG A 66 20.65 10.52 7.95
C ARG A 66 20.21 9.06 7.92
N VAL A 67 19.33 8.73 6.98
CA VAL A 67 18.97 7.35 6.72
C VAL A 67 20.05 6.72 5.85
N PRO A 68 20.71 5.67 6.36
CA PRO A 68 21.84 5.03 5.68
C PRO A 68 21.51 4.65 4.23
N GLY A 69 22.25 5.22 3.29
CA GLY A 69 22.07 4.90 1.88
C GLY A 69 21.33 5.96 1.09
N PHE A 70 20.67 6.87 1.81
CA PHE A 70 19.87 7.90 1.17
C PHE A 70 20.74 9.05 0.66
N VAL A 71 21.90 9.23 1.26
CA VAL A 71 22.81 10.28 0.84
C VAL A 71 23.53 9.86 -0.45
N ASP A 72 23.56 8.56 -0.71
CA ASP A 72 24.22 8.02 -1.90
C ASP A 72 23.36 8.15 -3.15
N LEU A 73 22.13 8.62 -2.97
CA LEU A 73 21.19 8.73 -4.08
C LEU A 73 21.32 10.06 -4.83
N THR A 74 20.89 10.05 -6.09
CA THR A 74 20.84 11.26 -6.89
C THR A 74 19.86 12.24 -6.25
N LEU A 75 20.10 13.54 -6.41
CA LEU A 75 19.22 14.56 -5.87
C LEU A 75 17.81 14.39 -6.42
N HIS A 76 17.70 14.06 -7.70
CA HIS A 76 16.41 13.83 -8.34
C HIS A 76 15.72 12.61 -7.73
N ASP A 77 16.50 11.55 -7.50
CA ASP A 77 15.98 10.34 -6.89
C ASP A 77 15.54 10.57 -5.45
N GLN A 78 16.28 11.43 -4.74
CA GLN A 78 15.94 11.78 -3.37
C GLN A 78 14.61 12.54 -3.33
N VAL A 79 14.46 13.48 -4.26
CA VAL A 79 13.23 14.27 -4.36
C VAL A 79 12.04 13.37 -4.64
N HIS A 80 12.23 12.42 -5.56
CA HIS A 80 11.16 11.52 -5.97
C HIS A 80 10.64 10.67 -4.82
N LEU A 81 11.56 10.10 -4.04
CA LEU A 81 11.18 9.23 -2.92
C LEU A 81 10.43 10.00 -1.84
N LEU A 82 10.83 11.24 -1.60
CA LEU A 82 10.19 12.07 -0.59
C LEU A 82 8.83 12.57 -1.07
N GLU A 83 8.76 13.00 -2.32
CA GLU A 83 7.49 13.47 -2.91
C GLU A 83 6.43 12.37 -2.92
N CYS A 84 6.88 11.12 -2.90
CA CYS A 84 5.98 9.98 -3.00
C CYS A 84 5.49 9.50 -1.64
N ALA A 85 6.31 9.66 -0.61
CA ALA A 85 6.03 9.02 0.67
C ALA A 85 5.96 9.98 1.87
N TRP A 86 6.00 11.28 1.62
CA TRP A 86 6.05 12.24 2.71
C TRP A 86 4.81 12.15 3.62
N LEU A 87 3.66 11.86 3.03
CA LEU A 87 2.43 11.75 3.82
C LEU A 87 2.37 10.41 4.55
N GLU A 88 2.94 9.36 3.94
CA GLU A 88 3.07 8.08 4.61
C GLU A 88 3.99 8.19 5.83
N ILE A 89 5.08 8.92 5.67
CA ILE A 89 6.05 9.10 6.74
C ILE A 89 5.46 9.94 7.87
N LEU A 90 4.68 10.95 7.52
CA LEU A 90 3.99 11.76 8.51
C LEU A 90 2.96 10.94 9.28
N MET A 91 2.23 10.08 8.57
CA MET A 91 1.15 9.32 9.18
C MET A 91 1.65 8.19 10.08
N ILE A 92 2.69 7.48 9.64
CA ILE A 92 3.26 6.41 10.45
C ILE A 92 3.90 6.99 11.71
N GLY A 93 4.33 8.25 11.63
CA GLY A 93 4.82 8.95 12.80
C GLY A 93 3.66 9.31 13.72
N LEU A 94 2.58 9.78 13.12
CA LEU A 94 1.36 10.10 13.85
C LEU A 94 0.78 8.85 14.53
N VAL A 95 0.76 7.75 13.78
CA VAL A 95 0.26 6.49 14.29
C VAL A 95 1.12 5.98 15.45
N TRP A 96 2.42 6.19 15.33
CA TRP A 96 3.36 5.74 16.35
C TRP A 96 3.25 6.55 17.65
N ARG A 97 3.04 7.85 17.51
CA ARG A 97 2.90 8.72 18.69
C ARG A 97 1.56 8.49 19.38
N SER A 98 0.55 8.07 18.61
CA SER A 98 -0.79 7.88 19.15
C SER A 98 -0.96 6.48 19.72
N MET A 99 0.11 5.70 19.72
CA MET A 99 0.07 4.29 20.10
C MET A 99 -0.38 4.09 21.55
N GLU A 100 0.13 4.89 22.47
CA GLU A 100 -0.23 4.76 23.87
C GLU A 100 -1.43 5.65 24.22
N HIS A 101 -2.14 6.11 23.20
CA HIS A 101 -3.34 6.92 23.40
C HIS A 101 -4.51 6.36 22.61
N PRO A 102 -5.13 5.28 23.13
CA PRO A 102 -6.23 4.58 22.46
C PRO A 102 -7.42 5.48 22.15
N GLY A 103 -7.88 5.45 20.91
CA GLY A 103 -9.04 6.26 20.51
C GLY A 103 -8.69 7.71 20.30
N LYS A 104 -7.40 8.04 20.39
CA LYS A 104 -6.95 9.41 20.20
C LYS A 104 -5.76 9.49 19.25
N LEU A 105 -5.64 10.60 18.53
CA LEU A 105 -4.54 10.81 17.61
C LEU A 105 -3.63 11.93 18.11
N LEU A 106 -2.37 11.59 18.38
CA LEU A 106 -1.40 12.57 18.86
C LEU A 106 -0.66 13.25 17.71
N PHE A 107 -1.31 14.23 17.09
CA PHE A 107 -0.67 15.04 16.05
C PHE A 107 0.47 15.81 16.67
N ALA A 108 0.24 16.31 17.88
CA ALA A 108 1.23 17.03 18.66
C ALA A 108 0.95 16.77 20.14
N PRO A 109 1.94 17.01 21.02
CA PRO A 109 1.70 16.83 22.46
C PRO A 109 0.57 17.72 22.98
N ASN A 110 0.40 18.88 22.37
CA ASN A 110 -0.67 19.80 22.74
C ASN A 110 -1.83 19.74 21.74
N LEU A 111 -1.87 18.67 20.96
CA LEU A 111 -2.93 18.47 19.98
C LEU A 111 -3.33 17.00 19.93
N LEU A 112 -4.16 16.59 20.90
CA LEU A 112 -4.63 15.22 21.00
C LEU A 112 -6.09 15.12 20.58
N LEU A 113 -6.32 14.63 19.37
CA LEU A 113 -7.67 14.60 18.81
C LEU A 113 -8.33 13.22 18.88
N ASP A 114 -9.63 13.20 19.12
CA ASP A 114 -10.39 11.95 19.08
C ASP A 114 -11.19 11.84 17.79
N ARG A 115 -12.05 10.84 17.70
CA ARG A 115 -12.84 10.61 16.50
C ARG A 115 -13.83 11.74 16.22
N ASN A 116 -14.54 12.17 17.27
CA ASN A 116 -15.57 13.20 17.11
C ASN A 116 -15.02 14.54 16.63
N GLN A 117 -13.76 14.82 16.97
CA GLN A 117 -13.12 16.04 16.50
C GLN A 117 -12.73 15.90 15.04
N GLY A 118 -12.74 14.67 14.54
CA GLY A 118 -12.55 14.42 13.13
C GLY A 118 -13.76 14.85 12.33
N LYS A 119 -14.91 14.94 13.00
CA LYS A 119 -16.15 15.35 12.34
C LYS A 119 -16.20 16.86 12.12
N CYS A 120 -15.20 17.57 12.65
CA CYS A 120 -15.10 19.02 12.43
C CYS A 120 -14.74 19.32 10.98
N VAL A 121 -14.09 18.35 10.34
CA VAL A 121 -13.73 18.46 8.93
C VAL A 121 -14.41 17.35 8.15
N GLU A 122 -15.06 17.70 7.04
CA GLU A 122 -15.77 16.71 6.24
C GLU A 122 -14.81 15.76 5.54
N GLY A 123 -15.14 14.47 5.57
CA GLY A 123 -14.30 13.46 4.97
C GLY A 123 -13.10 13.08 5.82
N MET A 124 -12.89 13.80 6.91
CA MET A 124 -11.75 13.56 7.79
C MET A 124 -11.98 12.34 8.68
N VAL A 125 -13.25 12.11 9.03
CA VAL A 125 -13.62 11.04 9.94
C VAL A 125 -13.17 9.67 9.45
N GLU A 126 -13.33 9.42 8.16
CA GLU A 126 -12.93 8.14 7.56
C GLU A 126 -11.42 7.94 7.65
N ILE A 127 -10.67 9.04 7.55
CA ILE A 127 -9.22 9.00 7.66
C ILE A 127 -8.79 8.82 9.11
N PHE A 128 -9.52 9.46 10.01
CA PHE A 128 -9.27 9.33 11.45
C PHE A 128 -9.42 7.88 11.93
N ASP A 129 -10.47 7.22 11.48
CA ASP A 129 -10.75 5.85 11.89
C ASP A 129 -9.68 4.88 11.39
N MET A 130 -9.16 5.14 10.20
CA MET A 130 -8.11 4.30 9.63
C MET A 130 -6.81 4.47 10.40
N LEU A 131 -6.50 5.70 10.76
CA LEU A 131 -5.30 6.01 11.54
C LEU A 131 -5.40 5.40 12.93
N LEU A 132 -6.58 5.47 13.53
CA LEU A 132 -6.80 4.88 14.84
C LEU A 132 -6.74 3.36 14.78
N ALA A 133 -7.12 2.80 13.64
CA ALA A 133 -7.08 1.35 13.45
C ALA A 133 -5.66 0.85 13.33
N THR A 134 -4.80 1.65 12.71
CA THR A 134 -3.39 1.30 12.57
C THR A 134 -2.67 1.45 13.92
N SER A 135 -3.06 2.48 14.67
CA SER A 135 -2.49 2.71 15.99
C SER A 135 -2.84 1.56 16.94
N SER A 136 -4.08 1.11 16.88
CA SER A 136 -4.53 -0.02 17.69
C SER A 136 -3.76 -1.28 17.30
N ARG A 137 -3.50 -1.43 16.01
CA ARG A 137 -2.78 -2.58 15.49
C ARG A 137 -1.33 -2.59 15.99
N PHE A 138 -0.70 -1.42 15.96
CA PHE A 138 0.67 -1.29 16.47
C PHE A 138 0.73 -1.61 17.95
N ARG A 139 -0.30 -1.19 18.68
CA ARG A 139 -0.36 -1.39 20.12
C ARG A 139 -0.57 -2.88 20.46
N MET A 140 -1.44 -3.54 19.72
CA MET A 140 -1.71 -4.96 19.95
C MET A 140 -0.52 -5.81 19.53
N MET A 141 0.29 -5.30 18.61
CA MET A 141 1.50 -5.97 18.18
C MET A 141 2.68 -5.61 19.06
N ASN A 142 2.45 -4.65 19.96
CA ASN A 142 3.50 -4.12 20.84
CA ASN A 142 3.51 -4.12 20.83
C ASN A 142 4.73 -3.70 20.02
N LEU A 143 4.50 -2.79 19.08
CA LEU A 143 5.56 -2.29 18.21
C LEU A 143 6.68 -1.63 19.00
N GLN A 144 7.92 -2.03 18.71
CA GLN A 144 9.09 -1.44 19.36
C GLN A 144 9.60 -0.26 18.55
N GLY A 145 10.20 0.72 19.23
CA GLY A 145 10.74 1.90 18.58
C GLY A 145 11.79 1.55 17.54
N GLU A 146 12.58 0.53 17.82
CA GLU A 146 13.60 0.06 16.89
C GLU A 146 12.97 -0.48 15.61
N GLU A 147 11.77 -1.04 15.73
CA GLU A 147 11.04 -1.55 14.58
C GLU A 147 10.38 -0.42 13.80
N PHE A 148 9.91 0.59 14.51
CA PHE A 148 9.24 1.73 13.90
C PHE A 148 10.16 2.51 12.97
N VAL A 149 11.39 2.78 13.44
CA VAL A 149 12.34 3.56 12.66
C VAL A 149 12.82 2.77 11.43
N CYS A 150 12.65 1.46 11.48
CA CYS A 150 12.96 0.62 10.33
C CYS A 150 11.86 0.70 9.30
N LEU A 151 10.62 0.57 9.74
CA LEU A 151 9.45 0.62 8.85
C LEU A 151 9.33 1.98 8.18
N LYS A 152 9.58 3.04 8.95
CA LYS A 152 9.52 4.40 8.42
C LYS A 152 10.60 4.62 7.36
N SER A 153 11.77 4.03 7.59
CA SER A 153 12.86 4.09 6.62
C SER A 153 12.53 3.26 5.39
N ILE A 154 11.87 2.13 5.59
CA ILE A 154 11.46 1.26 4.49
C ILE A 154 10.49 1.98 3.58
N ILE A 155 9.48 2.63 4.16
CA ILE A 155 8.51 3.41 3.40
C ILE A 155 9.21 4.46 2.52
N LEU A 156 10.18 5.13 3.09
CA LEU A 156 10.91 6.20 2.39
C LEU A 156 11.57 5.69 1.11
N LEU A 157 12.21 4.53 1.20
CA LEU A 157 12.99 3.98 0.10
C LEU A 157 12.16 3.13 -0.86
N ASN A 158 11.04 2.60 -0.37
CA ASN A 158 10.25 1.66 -1.16
C ASN A 158 9.10 2.27 -1.94
N SER A 159 8.40 3.23 -1.35
CA SER A 159 7.15 3.75 -1.91
C SER A 159 7.28 4.27 -3.34
N GLY A 160 8.42 4.85 -3.69
CA GLY A 160 8.60 5.43 -5.01
C GLY A 160 9.68 4.76 -5.84
N VAL A 161 10.04 3.53 -5.48
CA VAL A 161 11.15 2.84 -6.16
C VAL A 161 10.70 2.22 -7.48
N TYR A 162 9.40 1.99 -7.65
CA TYR A 162 8.88 1.45 -8.90
C TYR A 162 8.24 2.56 -9.75
N THR A 163 8.82 3.76 -9.67
CA THR A 163 8.28 4.90 -10.40
C THR A 163 9.41 5.75 -10.98
N LYS A 175 18.40 1.96 -8.69
CA LYS A 175 17.30 1.22 -8.06
C LYS A 175 17.82 -0.06 -7.41
N ASP A 176 18.94 -0.57 -7.91
CA ASP A 176 19.53 -1.80 -7.36
C ASP A 176 20.17 -1.51 -6.01
N HIS A 177 20.70 -0.29 -5.85
CA HIS A 177 21.27 0.14 -4.58
C HIS A 177 20.20 0.26 -3.51
N ILE A 178 19.08 0.87 -3.88
CA ILE A 178 17.95 1.04 -2.95
C ILE A 178 17.47 -0.31 -2.44
N HIS A 179 17.39 -1.29 -3.33
CA HIS A 179 16.95 -2.63 -2.95
C HIS A 179 17.99 -3.30 -2.04
N ARG A 180 19.25 -2.91 -2.20
CA ARG A 180 20.32 -3.44 -1.36
C ARG A 180 20.19 -2.90 0.06
N VAL A 181 19.77 -1.65 0.18
CA VAL A 181 19.56 -1.03 1.48
C VAL A 181 18.28 -1.58 2.13
N LEU A 182 17.25 -1.78 1.31
CA LEU A 182 15.99 -2.36 1.77
C LEU A 182 16.19 -3.75 2.34
N ASP A 183 17.02 -4.55 1.66
CA ASP A 183 17.38 -5.87 2.16
C ASP A 183 18.16 -5.74 3.47
N LYS A 184 18.95 -4.69 3.59
CA LYS A 184 19.77 -4.46 4.77
C LYS A 184 18.90 -4.11 5.97
N ILE A 185 17.81 -3.39 5.72
CA ILE A 185 16.87 -3.03 6.79
C ILE A 185 16.03 -4.23 7.19
N THR A 186 15.74 -5.11 6.24
CA THR A 186 15.04 -6.36 6.53
C THR A 186 15.86 -7.21 7.48
N ASP A 187 17.16 -7.31 7.22
CA ASP A 187 18.07 -8.04 8.08
C ASP A 187 18.09 -7.43 9.48
N THR A 188 17.93 -6.10 9.53
CA THR A 188 17.91 -5.38 10.79
C THR A 188 16.65 -5.73 11.59
N LEU A 189 15.52 -5.80 10.91
CA LEU A 189 14.26 -6.14 11.57
C LEU A 189 14.29 -7.56 12.14
N ILE A 190 14.84 -8.48 11.36
CA ILE A 190 14.99 -9.87 11.82
C ILE A 190 15.94 -9.92 13.02
N HIS A 191 17.02 -9.17 12.96
CA HIS A 191 18.01 -9.11 14.03
C HIS A 191 17.39 -8.60 15.33
N LEU A 192 16.47 -7.64 15.21
CA LEU A 192 15.78 -7.10 16.37
C LEU A 192 14.84 -8.13 16.99
N MET A 193 14.11 -8.85 16.15
CA MET A 193 13.15 -9.85 16.62
C MET A 193 13.87 -11.04 17.25
N ALA A 194 14.99 -11.45 16.66
CA ALA A 194 15.81 -12.52 17.20
C ALA A 194 16.34 -12.13 18.57
N LYS A 195 16.66 -10.84 18.73
CA LYS A 195 17.11 -10.29 20.00
C LYS A 195 16.01 -10.37 21.05
N ALA A 196 14.78 -10.12 20.63
CA ALA A 196 13.63 -10.11 21.54
C ALA A 196 13.29 -11.52 22.02
N GLY A 197 13.84 -12.53 21.36
CA GLY A 197 13.65 -13.91 21.78
C GLY A 197 12.60 -14.66 20.99
N LEU A 198 12.30 -14.17 19.79
CA LEU A 198 11.31 -14.83 18.93
C LEU A 198 11.92 -16.02 18.21
N THR A 199 11.11 -17.03 17.93
CA THR A 199 11.57 -18.19 17.17
C THR A 199 11.64 -17.81 15.70
N LEU A 200 12.29 -18.68 14.90
CA LEU A 200 12.40 -18.45 13.47
C LEU A 200 11.04 -18.25 12.82
N GLN A 201 10.06 -19.06 13.25
CA GLN A 201 8.71 -18.95 12.72
C GLN A 201 8.08 -17.62 13.13
N GLN A 202 8.28 -17.23 14.39
CA GLN A 202 7.75 -15.98 14.90
C GLN A 202 8.43 -14.77 14.25
N GLN A 203 9.67 -14.96 13.81
CA GLN A 203 10.44 -13.88 13.20
C GLN A 203 9.90 -13.50 11.83
N HIS A 204 9.67 -14.48 10.96
CA HIS A 204 9.20 -14.17 9.62
C HIS A 204 7.70 -13.86 9.61
N GLN A 205 6.99 -14.35 10.63
CA GLN A 205 5.58 -14.03 10.78
C GLN A 205 5.41 -12.58 11.15
N ARG A 206 6.11 -12.14 12.18
CA ARG A 206 6.03 -10.75 12.63
C ARG A 206 6.52 -9.80 11.55
N LEU A 207 7.56 -10.21 10.83
CA LEU A 207 8.07 -9.43 9.70
C LEU A 207 6.97 -9.22 8.66
N ALA A 208 6.24 -10.29 8.37
CA ALA A 208 5.13 -10.22 7.42
C ALA A 208 4.00 -9.33 7.95
N GLN A 209 3.72 -9.45 9.24
CA GLN A 209 2.67 -8.65 9.87
C GLN A 209 2.97 -7.15 9.78
N LEU A 210 4.22 -6.78 10.04
CA LEU A 210 4.63 -5.39 10.00
C LEU A 210 4.59 -4.80 8.60
N LEU A 211 5.08 -5.55 7.62
CA LEU A 211 5.18 -5.06 6.25
C LEU A 211 3.83 -4.96 5.54
N LEU A 212 2.83 -5.70 6.03
CA LEU A 212 1.50 -5.64 5.44
C LEU A 212 0.74 -4.43 5.95
N ILE A 213 1.19 -3.87 7.06
CA ILE A 213 0.61 -2.65 7.61
C ILE A 213 0.99 -1.46 6.73
N LEU A 214 2.12 -1.58 6.03
CA LEU A 214 2.59 -0.54 5.12
C LEU A 214 1.67 -0.37 3.92
N SER A 215 0.87 -1.40 3.63
CA SER A 215 -0.10 -1.32 2.55
C SER A 215 -1.23 -0.37 2.94
N HIS A 216 -1.65 -0.43 4.19
CA HIS A 216 -2.71 0.43 4.68
C HIS A 216 -2.23 1.84 4.93
N ILE A 217 -0.98 1.97 5.37
CA ILE A 217 -0.34 3.27 5.52
C ILE A 217 -0.30 3.98 4.16
N ARG A 218 -0.01 3.22 3.12
CA ARG A 218 -0.08 3.73 1.75
C ARG A 218 -1.49 4.15 1.40
N HIS A 219 -2.46 3.30 1.75
CA HIS A 219 -3.86 3.55 1.46
C HIS A 219 -4.38 4.80 2.17
N MET A 220 -3.97 4.97 3.43
CA MET A 220 -4.39 6.13 4.20
C MET A 220 -3.80 7.40 3.61
N SER A 221 -2.58 7.31 3.09
CA SER A 221 -1.93 8.43 2.44
C SER A 221 -2.69 8.85 1.17
N ASN A 222 -3.04 7.88 0.35
CA ASN A 222 -3.79 8.14 -0.87
C ASN A 222 -5.13 8.81 -0.58
N LYS A 223 -5.81 8.34 0.45
CA LYS A 223 -7.06 8.96 0.89
C LYS A 223 -6.81 10.35 1.44
N GLY A 224 -5.66 10.53 2.09
CA GLY A 224 -5.29 11.82 2.64
C GLY A 224 -4.89 12.83 1.59
N MET A 225 -4.28 12.36 0.51
CA MET A 225 -3.91 13.22 -0.61
C MET A 225 -5.13 13.84 -1.27
N GLU A 226 -6.12 13.00 -1.56
CA GLU A 226 -7.34 13.46 -2.21
C GLU A 226 -8.09 14.43 -1.30
N HIS A 227 -8.01 14.18 0.01
CA HIS A 227 -8.66 15.04 0.99
C HIS A 227 -7.98 16.39 1.09
N LEU A 228 -6.65 16.35 1.13
CA LEU A 228 -5.86 17.58 1.20
C LEU A 228 -6.03 18.39 -0.08
N TYR A 229 -6.16 17.68 -1.20
CA TYR A 229 -6.41 18.32 -2.49
C TYR A 229 -7.80 18.92 -2.53
N SER A 230 -8.74 18.25 -1.86
CA SER A 230 -10.13 18.69 -1.81
C SER A 230 -10.25 19.99 -1.02
N MET A 231 -9.42 20.13 0.01
CA MET A 231 -9.40 21.34 0.82
C MET A 231 -8.64 22.45 0.10
N LYS A 232 -7.85 22.07 -0.89
CA LYS A 232 -7.13 23.03 -1.72
C LYS A 232 -8.07 23.67 -2.73
N CYS A 233 -8.86 22.83 -3.40
CA CYS A 233 -9.79 23.31 -4.42
C CYS A 233 -10.96 24.07 -3.81
N LYS A 234 -11.34 23.68 -2.59
CA LYS A 234 -12.39 24.38 -1.87
C LYS A 234 -11.83 25.64 -1.21
N ASN A 235 -10.50 25.75 -1.22
CA ASN A 235 -9.79 26.89 -0.64
C ASN A 235 -10.18 27.13 0.82
N VAL A 236 -10.28 26.04 1.57
CA VAL A 236 -10.62 26.11 2.98
C VAL A 236 -9.48 26.74 3.77
N VAL A 237 -8.28 26.19 3.60
CA VAL A 237 -7.10 26.69 4.29
C VAL A 237 -5.98 26.95 3.29
N PRO A 238 -5.33 28.12 3.38
CA PRO A 238 -4.17 28.41 2.51
C PRO A 238 -3.01 27.48 2.80
N LEU A 239 -2.45 26.88 1.76
CA LEU A 239 -1.34 25.95 1.91
C LEU A 239 -0.01 26.60 1.58
N SER A 240 1.03 26.22 2.29
CA SER A 240 2.37 26.72 2.03
C SER A 240 2.86 26.20 0.68
N ASP A 241 3.78 26.93 0.05
CA ASP A 241 4.28 26.57 -1.27
C ASP A 241 4.99 25.22 -1.25
N LEU A 242 5.68 24.91 -0.16
CA LEU A 242 6.33 23.62 -0.02
C LEU A 242 5.30 22.49 -0.03
N LEU A 243 4.30 22.62 0.84
CA LEU A 243 3.22 21.64 0.93
C LEU A 243 2.43 21.58 -0.37
N LEU A 244 2.39 22.69 -1.08
CA LEU A 244 1.71 22.77 -2.36
C LEU A 244 2.51 22.06 -3.44
N GLU A 245 3.84 22.06 -3.29
CA GLU A 245 4.71 21.37 -4.22
C GLU A 245 4.68 19.86 -4.00
N MET A 246 4.63 19.45 -2.73
CA MET A 246 4.57 18.04 -2.39
C MET A 246 3.24 17.44 -2.84
N LEU A 247 2.20 18.28 -2.82
CA LEU A 247 0.86 17.86 -3.23
C LEU A 247 0.76 17.72 -4.74
N ASP A 248 1.44 18.60 -5.47
CA ASP A 248 1.38 18.60 -6.93
C ASP A 248 2.14 17.42 -7.53
N ALA A 249 2.94 16.75 -6.71
CA ALA A 249 3.75 15.63 -7.18
C ALA A 249 2.93 14.35 -7.36
N HIS A 250 1.63 14.44 -7.12
CA HIS A 250 0.76 13.28 -7.25
C HIS A 250 -0.28 13.47 -8.37
N ARG A 251 -0.54 14.74 -8.71
CA ARG A 251 -1.43 15.10 -9.81
C ARG A 251 -2.82 14.48 -9.67
N LEU A 252 -3.72 15.21 -9.01
CA LEU A 252 -5.06 14.71 -8.77
C LEU A 252 -6.12 15.58 -9.44
N LEU B 9 -9.97 -26.27 9.80
CA LEU B 9 -9.56 -26.60 8.44
C LEU B 9 -8.30 -25.83 8.03
N ALA B 10 -8.47 -24.53 7.81
CA ALA B 10 -7.39 -23.67 7.31
C ALA B 10 -6.14 -23.69 8.18
N LEU B 11 -6.32 -23.82 9.49
CA LEU B 11 -5.20 -23.79 10.42
C LEU B 11 -4.45 -25.12 10.50
N SER B 12 -5.00 -26.15 9.86
CA SER B 12 -4.45 -27.49 9.96
C SER B 12 -3.75 -27.95 8.69
N LEU B 13 -3.71 -27.08 7.67
CA LEU B 13 -3.09 -27.43 6.40
C LEU B 13 -1.57 -27.32 6.44
N THR B 14 -0.89 -28.28 5.83
CA THR B 14 0.56 -28.19 5.67
C THR B 14 0.87 -27.11 4.64
N ALA B 15 2.14 -26.76 4.50
CA ALA B 15 2.53 -25.75 3.53
C ALA B 15 2.23 -26.24 2.10
N ASP B 16 2.48 -27.52 1.86
CA ASP B 16 2.22 -28.11 0.55
C ASP B 16 0.73 -28.18 0.23
N GLN B 17 -0.07 -28.53 1.24
CA GLN B 17 -1.52 -28.57 1.10
C GLN B 17 -2.08 -27.17 0.86
N MET B 18 -1.43 -26.17 1.45
CA MET B 18 -1.82 -24.78 1.26
C MET B 18 -1.57 -24.35 -0.18
N VAL B 19 -0.40 -24.70 -0.70
CA VAL B 19 -0.04 -24.38 -2.08
C VAL B 19 -0.97 -25.09 -3.06
N SER B 20 -1.20 -26.37 -2.82
CA SER B 20 -2.07 -27.18 -3.67
C SER B 20 -3.49 -26.59 -3.73
N ALA B 21 -4.00 -26.19 -2.58
CA ALA B 21 -5.35 -25.63 -2.50
C ALA B 21 -5.46 -24.34 -3.31
N LEU B 22 -4.46 -23.47 -3.15
CA LEU B 22 -4.45 -22.19 -3.84
C LEU B 22 -4.25 -22.35 -5.35
N LEU B 23 -3.37 -23.28 -5.74
CA LEU B 23 -3.15 -23.56 -7.16
C LEU B 23 -4.40 -24.13 -7.80
N ASP B 24 -5.09 -24.99 -7.08
CA ASP B 24 -6.30 -25.63 -7.60
C ASP B 24 -7.45 -24.62 -7.68
N ALA B 25 -7.42 -23.62 -6.80
CA ALA B 25 -8.49 -22.64 -6.72
C ALA B 25 -8.35 -21.52 -7.74
N GLU B 26 -7.29 -21.59 -8.54
CA GLU B 26 -7.00 -20.55 -9.52
C GLU B 26 -8.12 -20.34 -10.54
N PRO B 27 -8.53 -19.08 -10.73
CA PRO B 27 -9.54 -18.72 -11.72
C PRO B 27 -8.97 -18.82 -13.13
N PRO B 28 -9.82 -19.07 -14.13
CA PRO B 28 -9.37 -19.20 -15.52
C PRO B 28 -8.99 -17.86 -16.13
N ILE B 29 -8.27 -17.89 -17.25
CA ILE B 29 -7.92 -16.67 -17.97
C ILE B 29 -8.95 -16.39 -19.05
N LEU B 30 -9.80 -15.40 -18.80
CA LEU B 30 -10.88 -15.08 -19.72
C LEU B 30 -10.38 -14.33 -20.95
N TYR B 31 -11.23 -14.25 -21.97
CA TYR B 31 -10.89 -13.54 -23.19
C TYR B 31 -11.66 -12.22 -23.27
N SER B 32 -11.07 -11.25 -23.95
CA SER B 32 -11.73 -9.97 -24.19
C SER B 32 -12.63 -10.08 -25.41
N GLU B 33 -13.64 -9.23 -25.49
CA GLU B 33 -14.49 -9.17 -26.67
C GLU B 33 -13.63 -8.77 -27.86
N TYR B 34 -13.20 -7.51 -27.85
CA TYR B 34 -12.19 -6.96 -28.76
C TYR B 34 -12.17 -7.52 -30.18
N ASP B 35 -12.89 -6.87 -31.09
CA ASP B 35 -12.75 -7.15 -32.50
C ASP B 35 -11.65 -6.25 -33.05
N PRO B 36 -10.51 -6.86 -33.43
CA PRO B 36 -9.33 -6.11 -33.90
C PRO B 36 -9.62 -5.25 -35.12
N THR B 37 -10.76 -5.50 -35.78
CA THR B 37 -11.21 -4.66 -36.87
C THR B 37 -11.67 -3.31 -36.34
N ARG B 38 -12.37 -3.34 -35.21
CA ARG B 38 -12.91 -2.13 -34.59
C ARG B 38 -11.79 -1.23 -34.06
N PRO B 39 -11.71 0.00 -34.58
CA PRO B 39 -10.72 1.00 -34.13
C PRO B 39 -10.94 1.36 -32.67
N PHE B 40 -9.86 1.74 -31.99
CA PHE B 40 -9.93 2.07 -30.56
C PHE B 40 -10.49 3.46 -30.29
N SER B 41 -11.27 3.55 -29.22
CA SER B 41 -11.76 4.82 -28.72
C SER B 41 -11.48 4.90 -27.22
N GLU B 42 -11.85 6.01 -26.59
CA GLU B 42 -11.75 6.10 -25.15
C GLU B 42 -12.84 5.25 -24.52
N ALA B 43 -13.99 5.22 -25.18
CA ALA B 43 -15.12 4.42 -24.74
C ALA B 43 -14.88 2.94 -25.06
N SER B 44 -14.27 2.69 -26.20
CA SER B 44 -14.02 1.33 -26.67
C SER B 44 -13.05 0.59 -25.75
N MET B 45 -11.92 1.22 -25.44
CA MET B 45 -10.90 0.59 -24.63
C MET B 45 -11.36 0.42 -23.18
N MET B 46 -12.01 1.44 -22.65
CA MET B 46 -12.58 1.36 -21.30
C MET B 46 -13.67 0.31 -21.24
N GLY B 47 -14.40 0.17 -22.35
CA GLY B 47 -15.42 -0.85 -22.47
C GLY B 47 -14.84 -2.24 -22.39
N LEU B 48 -13.72 -2.45 -23.06
CA LEU B 48 -13.05 -3.75 -23.06
C LEU B 48 -12.55 -4.11 -21.67
N LEU B 49 -12.04 -3.11 -20.95
CA LEU B 49 -11.48 -3.34 -19.62
C LEU B 49 -12.57 -3.63 -18.59
N THR B 50 -13.69 -2.92 -18.70
CA THR B 50 -14.78 -3.10 -17.74
C THR B 50 -15.63 -4.32 -18.05
N ASN B 51 -15.76 -4.66 -19.33
CA ASN B 51 -16.45 -5.88 -19.73
C ASN B 51 -15.69 -7.10 -19.23
N LEU B 52 -14.37 -7.05 -19.35
CA LEU B 52 -13.51 -8.13 -18.89
C LEU B 52 -13.53 -8.25 -17.38
N ALA B 53 -13.45 -7.12 -16.71
CA ALA B 53 -13.45 -7.07 -15.25
C ALA B 53 -14.74 -7.63 -14.66
N ASP B 54 -15.86 -7.25 -15.25
CA ASP B 54 -17.17 -7.71 -14.78
C ASP B 54 -17.31 -9.24 -14.88
N ARG B 55 -16.74 -9.82 -15.93
CA ARG B 55 -16.76 -11.27 -16.09
C ARG B 55 -15.72 -11.94 -15.18
N GLU B 56 -14.64 -11.23 -14.88
CA GLU B 56 -13.60 -11.76 -14.01
C GLU B 56 -14.02 -11.76 -12.54
N LEU B 57 -14.84 -10.77 -12.17
CA LEU B 57 -15.32 -10.65 -10.80
C LEU B 57 -16.08 -11.89 -10.34
N VAL B 58 -16.86 -12.48 -11.23
CA VAL B 58 -17.63 -13.68 -10.91
C VAL B 58 -16.71 -14.82 -10.50
N HIS B 59 -15.62 -15.01 -11.24
CA HIS B 59 -14.67 -16.07 -10.93
C HIS B 59 -13.86 -15.76 -9.67
N MET B 60 -13.63 -14.47 -9.43
CA MET B 60 -12.92 -14.03 -8.24
C MET B 60 -13.70 -14.39 -6.98
N ILE B 61 -15.03 -14.30 -7.07
CA ILE B 61 -15.90 -14.65 -5.96
C ILE B 61 -15.75 -16.14 -5.63
N ASN B 62 -15.73 -16.98 -6.67
CA ASN B 62 -15.60 -18.42 -6.48
C ASN B 62 -14.18 -18.82 -6.10
N TRP B 63 -13.22 -18.00 -6.51
CA TRP B 63 -11.83 -18.22 -6.11
C TRP B 63 -11.66 -17.95 -4.62
N ALA B 64 -12.22 -16.83 -4.17
CA ALA B 64 -12.07 -16.39 -2.79
C ALA B 64 -12.61 -17.41 -1.80
N LYS B 65 -13.73 -18.03 -2.13
CA LYS B 65 -14.36 -19.00 -1.24
C LYS B 65 -13.55 -20.28 -1.14
N ARG B 66 -12.68 -20.51 -2.12
CA ARG B 66 -11.82 -21.69 -2.12
C ARG B 66 -10.45 -21.38 -1.53
N VAL B 67 -10.28 -20.14 -1.08
CA VAL B 67 -9.10 -19.76 -0.32
C VAL B 67 -9.28 -20.15 1.14
N PRO B 68 -8.36 -20.97 1.68
CA PRO B 68 -8.45 -21.49 3.05
C PRO B 68 -8.70 -20.40 4.09
N GLY B 69 -9.76 -20.56 4.87
CA GLY B 69 -10.08 -19.63 5.93
C GLY B 69 -11.14 -18.60 5.56
N PHE B 70 -11.32 -18.39 4.26
CA PHE B 70 -12.25 -17.37 3.78
C PHE B 70 -13.71 -17.79 3.97
N VAL B 71 -13.98 -19.08 3.82
CA VAL B 71 -15.34 -19.60 3.96
C VAL B 71 -15.79 -19.54 5.42
N ASP B 72 -14.82 -19.57 6.34
CA ASP B 72 -15.11 -19.52 7.77
C ASP B 72 -15.52 -18.13 8.24
N LEU B 73 -15.42 -17.16 7.34
CA LEU B 73 -15.71 -15.77 7.68
C LEU B 73 -17.19 -15.44 7.61
N THR B 74 -17.57 -14.34 8.23
CA THR B 74 -18.94 -13.84 8.15
C THR B 74 -19.23 -13.40 6.72
N LEU B 75 -20.49 -13.54 6.30
CA LEU B 75 -20.90 -13.14 4.95
C LEU B 75 -20.66 -11.66 4.73
N HIS B 76 -20.87 -10.85 5.78
CA HIS B 76 -20.62 -9.42 5.70
C HIS B 76 -19.13 -9.13 5.63
N ASP B 77 -18.34 -9.95 6.31
CA ASP B 77 -16.88 -9.82 6.28
C ASP B 77 -16.31 -10.17 4.92
N GLN B 78 -16.90 -11.19 4.28
CA GLN B 78 -16.50 -11.60 2.95
C GLN B 78 -16.77 -10.48 1.94
N VAL B 79 -17.95 -9.88 2.05
CA VAL B 79 -18.34 -8.76 1.20
C VAL B 79 -17.35 -7.60 1.33
N HIS B 80 -16.97 -7.30 2.57
CA HIS B 80 -16.07 -6.19 2.85
C HIS B 80 -14.69 -6.39 2.22
N LEU B 81 -14.09 -7.56 2.44
CA LEU B 81 -12.75 -7.84 1.95
C LEU B 81 -12.67 -7.80 0.43
N LEU B 82 -13.69 -8.33 -0.24
CA LEU B 82 -13.73 -8.33 -1.70
C LEU B 82 -13.95 -6.93 -2.26
N GLU B 83 -14.80 -6.14 -1.58
CA GLU B 83 -15.11 -4.79 -2.04
C GLU B 83 -13.90 -3.85 -2.02
N CYS B 84 -12.98 -4.10 -1.09
CA CYS B 84 -11.82 -3.24 -0.93
C CYS B 84 -10.61 -3.73 -1.72
N ALA B 85 -10.65 -4.99 -2.16
CA ALA B 85 -9.48 -5.61 -2.78
C ALA B 85 -9.73 -6.17 -4.18
N TRP B 86 -10.90 -5.91 -4.75
CA TRP B 86 -11.25 -6.52 -6.04
C TRP B 86 -10.36 -6.02 -7.18
N LEU B 87 -9.97 -4.75 -7.11
CA LEU B 87 -9.13 -4.18 -8.16
C LEU B 87 -7.66 -4.54 -7.94
N GLU B 88 -7.27 -4.69 -6.68
CA GLU B 88 -5.92 -5.13 -6.35
C GLU B 88 -5.67 -6.53 -6.90
N ILE B 89 -6.63 -7.42 -6.68
CA ILE B 89 -6.54 -8.79 -7.15
C ILE B 89 -6.58 -8.84 -8.69
N LEU B 90 -7.43 -8.01 -9.29
CA LEU B 90 -7.50 -7.93 -10.75
C LEU B 90 -6.18 -7.46 -11.34
N MET B 91 -5.53 -6.52 -10.66
CA MET B 91 -4.29 -5.92 -11.16
C MET B 91 -3.08 -6.82 -10.96
N ILE B 92 -2.99 -7.48 -9.82
CA ILE B 92 -1.86 -8.38 -9.56
C ILE B 92 -1.94 -9.58 -10.50
N GLY B 93 -3.15 -9.90 -10.95
CA GLY B 93 -3.34 -10.95 -11.93
C GLY B 93 -2.88 -10.47 -13.29
N LEU B 94 -3.24 -9.23 -13.62
CA LEU B 94 -2.82 -8.59 -14.86
C LEU B 94 -1.30 -8.49 -14.95
N VAL B 95 -0.68 -8.14 -13.83
CA VAL B 95 0.77 -8.01 -13.75
C VAL B 95 1.43 -9.38 -13.91
N TRP B 96 0.82 -10.40 -13.33
CA TRP B 96 1.35 -11.76 -13.40
C TRP B 96 1.27 -12.36 -14.80
N ARG B 97 0.17 -12.10 -15.50
CA ARG B 97 0.00 -12.60 -16.87
C ARG B 97 0.94 -11.89 -17.84
N SER B 98 1.26 -10.64 -17.53
CA SER B 98 2.06 -9.80 -18.41
C SER B 98 3.55 -9.91 -18.09
N MET B 99 3.89 -10.85 -17.22
CA MET B 99 5.25 -10.99 -16.71
C MET B 99 6.24 -11.38 -17.81
N GLU B 100 5.79 -12.21 -18.74
CA GLU B 100 6.66 -12.64 -19.84
C GLU B 100 6.41 -11.84 -21.13
N HIS B 101 5.73 -10.70 -21.00
CA HIS B 101 5.51 -9.82 -22.13
C HIS B 101 5.97 -8.40 -21.82
N PRO B 102 7.30 -8.19 -21.80
CA PRO B 102 7.89 -6.89 -21.45
C PRO B 102 7.37 -5.75 -22.31
N GLY B 103 6.92 -4.67 -21.68
CA GLY B 103 6.41 -3.51 -22.38
C GLY B 103 4.96 -3.68 -22.80
N LYS B 104 4.34 -4.77 -22.35
CA LYS B 104 2.96 -5.06 -22.72
C LYS B 104 2.15 -5.60 -21.54
N LEU B 105 0.88 -5.21 -21.50
CA LEU B 105 -0.04 -5.68 -20.48
C LEU B 105 -1.01 -6.69 -21.06
N LEU B 106 -0.97 -7.92 -20.54
CA LEU B 106 -1.86 -8.97 -21.03
C LEU B 106 -3.16 -8.95 -20.24
N PHE B 107 -4.09 -8.09 -20.65
CA PHE B 107 -5.42 -8.05 -20.05
C PHE B 107 -6.13 -9.35 -20.39
N ALA B 108 -5.91 -9.81 -21.61
CA ALA B 108 -6.45 -11.07 -22.09
C ALA B 108 -5.49 -11.62 -23.14
N PRO B 109 -5.54 -12.95 -23.38
CA PRO B 109 -4.69 -13.56 -24.41
C PRO B 109 -4.86 -12.92 -25.79
N ASN B 110 -6.04 -12.36 -26.05
CA ASN B 110 -6.31 -11.67 -27.31
C ASN B 110 -6.28 -10.16 -27.16
N LEU B 111 -6.04 -9.69 -25.94
CA LEU B 111 -5.97 -8.26 -25.67
C LEU B 111 -4.62 -7.91 -25.04
N LEU B 112 -3.66 -7.56 -25.89
CA LEU B 112 -2.31 -7.24 -25.45
C LEU B 112 -2.01 -5.77 -25.75
N LEU B 113 -1.96 -4.95 -24.69
CA LEU B 113 -1.75 -3.51 -24.85
C LEU B 113 -0.37 -3.07 -24.38
N ASP B 114 0.21 -2.11 -25.07
CA ASP B 114 1.47 -1.51 -24.64
C ASP B 114 1.24 -0.10 -24.12
N ARG B 115 2.32 0.62 -23.84
CA ARG B 115 2.21 1.96 -23.28
C ARG B 115 1.44 2.93 -24.18
N ASN B 116 1.77 2.93 -25.47
CA ASN B 116 1.18 3.87 -26.42
C ASN B 116 -0.33 3.69 -26.58
N GLN B 117 -0.80 2.45 -26.49
CA GLN B 117 -2.23 2.18 -26.61
C GLN B 117 -2.99 2.68 -25.38
N GLY B 118 -2.28 2.79 -24.27
CA GLY B 118 -2.87 3.29 -23.04
C GLY B 118 -3.19 4.78 -23.13
N LYS B 119 -2.58 5.44 -24.10
CA LYS B 119 -2.78 6.88 -24.28
C LYS B 119 -4.09 7.18 -25.00
N CYS B 120 -4.79 6.14 -25.42
CA CYS B 120 -6.10 6.30 -26.04
C CYS B 120 -7.12 6.72 -24.99
N VAL B 121 -6.89 6.30 -23.76
CA VAL B 121 -7.70 6.72 -22.62
C VAL B 121 -6.89 7.70 -21.76
N GLU B 122 -7.48 8.84 -21.45
CA GLU B 122 -6.78 9.88 -20.68
C GLU B 122 -6.53 9.44 -19.24
N GLY B 123 -5.34 9.74 -18.73
CA GLY B 123 -4.98 9.38 -17.37
C GLY B 123 -4.70 7.90 -17.18
N MET B 124 -4.63 7.16 -18.29
CA MET B 124 -4.42 5.72 -18.24
C MET B 124 -2.94 5.37 -18.29
N VAL B 125 -2.16 6.19 -18.98
CA VAL B 125 -0.73 5.96 -19.15
C VAL B 125 -0.01 5.85 -17.81
N GLU B 126 -0.35 6.74 -16.88
CA GLU B 126 0.26 6.74 -15.55
C GLU B 126 0.01 5.41 -14.85
N ILE B 127 -1.18 4.87 -15.04
CA ILE B 127 -1.54 3.57 -14.46
C ILE B 127 -0.86 2.44 -15.21
N PHE B 128 -0.78 2.58 -16.53
CA PHE B 128 -0.12 1.60 -17.39
C PHE B 128 1.36 1.46 -17.04
N ASP B 129 2.03 2.59 -16.84
CA ASP B 129 3.45 2.60 -16.50
C ASP B 129 3.73 1.93 -15.17
N MET B 130 2.85 2.16 -14.21
CA MET B 130 2.97 1.53 -12.90
C MET B 130 2.76 0.02 -13.00
N LEU B 131 1.76 -0.39 -13.78
CA LEU B 131 1.48 -1.80 -13.99
C LEU B 131 2.64 -2.48 -14.71
N LEU B 132 3.20 -1.78 -15.68
CA LEU B 132 4.36 -2.29 -16.43
C LEU B 132 5.58 -2.39 -15.53
N ALA B 133 5.76 -1.42 -14.64
CA ALA B 133 6.90 -1.40 -13.74
C ALA B 133 6.84 -2.56 -12.74
N THR B 134 5.64 -2.85 -12.25
CA THR B 134 5.44 -3.96 -11.32
C THR B 134 5.74 -5.28 -12.02
N SER B 135 5.36 -5.38 -13.29
CA SER B 135 5.58 -6.59 -14.07
C SER B 135 7.08 -6.84 -14.28
N SER B 136 7.82 -5.76 -14.50
CA SER B 136 9.27 -5.83 -14.64
C SER B 136 9.91 -6.30 -13.33
N ARG B 137 9.33 -5.88 -12.21
CA ARG B 137 9.83 -6.26 -10.90
C ARG B 137 9.65 -7.76 -10.66
N PHE B 138 8.45 -8.27 -10.95
CA PHE B 138 8.19 -9.70 -10.87
C PHE B 138 9.17 -10.48 -11.74
N ARG B 139 9.45 -9.94 -12.93
CA ARG B 139 10.36 -10.59 -13.86
C ARG B 139 11.79 -10.58 -13.31
N MET B 140 12.18 -9.47 -12.68
CA MET B 140 13.51 -9.33 -12.11
C MET B 140 13.70 -10.26 -10.91
N MET B 141 12.63 -10.45 -10.15
CA MET B 141 12.67 -11.34 -8.99
C MET B 141 12.44 -12.80 -9.38
N ASN B 142 12.05 -13.00 -10.63
CA ASN B 142 11.64 -14.32 -11.12
C ASN B 142 10.56 -14.92 -10.22
N LEU B 143 9.45 -14.21 -10.13
CA LEU B 143 8.33 -14.63 -9.30
C LEU B 143 7.75 -15.96 -9.75
N GLN B 144 7.76 -16.94 -8.83
CA GLN B 144 7.20 -18.25 -9.13
C GLN B 144 5.69 -18.25 -8.97
N GLY B 145 5.02 -19.18 -9.65
CA GLY B 145 3.57 -19.30 -9.60
C GLY B 145 3.06 -19.59 -8.20
N GLU B 146 3.80 -20.40 -7.45
CA GLU B 146 3.43 -20.76 -6.09
C GLU B 146 3.43 -19.53 -5.17
N GLU B 147 4.30 -18.57 -5.48
CA GLU B 147 4.39 -17.36 -4.68
C GLU B 147 3.29 -16.37 -5.04
N PHE B 148 2.91 -16.36 -6.31
CA PHE B 148 1.85 -15.48 -6.80
C PHE B 148 0.51 -15.77 -6.14
N VAL B 149 0.12 -17.04 -6.09
CA VAL B 149 -1.17 -17.42 -5.53
C VAL B 149 -1.23 -17.11 -4.03
N CYS B 150 -0.07 -17.08 -3.38
CA CYS B 150 0.01 -16.73 -1.97
C CYS B 150 -0.22 -15.23 -1.78
N LEU B 151 0.52 -14.43 -2.55
CA LEU B 151 0.41 -12.97 -2.48
C LEU B 151 -1.00 -12.49 -2.79
N LYS B 152 -1.63 -13.13 -3.77
CA LYS B 152 -2.99 -12.78 -4.16
C LYS B 152 -3.96 -13.13 -3.04
N SER B 153 -3.70 -14.23 -2.36
CA SER B 153 -4.53 -14.63 -1.22
C SER B 153 -4.29 -13.71 -0.01
N ILE B 154 -3.06 -13.24 0.14
CA ILE B 154 -2.72 -12.33 1.21
C ILE B 154 -3.48 -11.01 1.04
N ILE B 155 -3.47 -10.49 -0.19
CA ILE B 155 -4.20 -9.27 -0.53
C ILE B 155 -5.69 -9.37 -0.17
N LEU B 156 -6.29 -10.50 -0.52
CA LEU B 156 -7.71 -10.74 -0.26
C LEU B 156 -8.05 -10.61 1.23
N LEU B 157 -7.17 -11.11 2.08
CA LEU B 157 -7.44 -11.17 3.52
C LEU B 157 -6.94 -9.95 4.27
N ASN B 158 -5.91 -9.30 3.74
CA ASN B 158 -5.23 -8.22 4.47
C ASN B 158 -5.73 -6.81 4.12
N SER B 159 -6.22 -6.63 2.91
CA SER B 159 -6.54 -5.29 2.41
C SER B 159 -7.63 -4.57 3.21
N GLY B 160 -8.59 -5.32 3.73
CA GLY B 160 -9.68 -4.71 4.47
C GLY B 160 -9.85 -5.24 5.88
N VAL B 161 -8.78 -5.78 6.45
CA VAL B 161 -8.86 -6.41 7.77
C VAL B 161 -8.97 -5.36 8.88
N TYR B 162 -8.47 -4.17 8.62
CA TYR B 162 -8.47 -3.12 9.64
C TYR B 162 -9.66 -2.18 9.48
N THR B 163 -10.23 -2.14 8.29
CA THR B 163 -11.39 -1.30 8.02
C THR B 163 -12.69 -2.10 8.18
N GLU B 174 -12.55 -13.45 15.35
CA GLU B 174 -12.96 -12.99 14.02
C GLU B 174 -11.74 -12.57 13.21
N LYS B 175 -11.25 -11.36 13.46
CA LYS B 175 -10.04 -10.86 12.82
C LYS B 175 -8.83 -11.66 13.31
N ASP B 176 -8.98 -12.26 14.48
CA ASP B 176 -7.96 -13.11 15.06
C ASP B 176 -7.72 -14.33 14.17
N HIS B 177 -8.80 -14.82 13.58
CA HIS B 177 -8.73 -15.98 12.68
C HIS B 177 -8.09 -15.60 11.35
N ILE B 178 -8.41 -14.41 10.87
CA ILE B 178 -7.85 -13.90 9.62
C ILE B 178 -6.33 -13.81 9.69
N HIS B 179 -5.82 -13.19 10.76
CA HIS B 179 -4.39 -13.05 10.95
C HIS B 179 -3.72 -14.41 11.13
N ARG B 180 -4.46 -15.36 11.68
CA ARG B 180 -3.96 -16.72 11.86
C ARG B 180 -3.74 -17.39 10.51
N VAL B 181 -4.61 -17.08 9.55
CA VAL B 181 -4.46 -17.59 8.19
C VAL B 181 -3.36 -16.86 7.45
N LEU B 182 -3.26 -15.55 7.68
CA LEU B 182 -2.20 -14.74 7.09
C LEU B 182 -0.83 -15.21 7.55
N ASP B 183 -0.72 -15.60 8.82
CA ASP B 183 0.52 -16.16 9.35
C ASP B 183 0.81 -17.51 8.70
N LYS B 184 -0.25 -18.24 8.38
CA LYS B 184 -0.13 -19.56 7.77
C LYS B 184 0.43 -19.43 6.35
N ILE B 185 -0.01 -18.42 5.62
CA ILE B 185 0.48 -18.19 4.27
C ILE B 185 1.93 -17.72 4.29
N THR B 186 2.30 -16.99 5.34
CA THR B 186 3.67 -16.56 5.52
C THR B 186 4.58 -17.77 5.70
N ASP B 187 4.15 -18.72 6.52
CA ASP B 187 4.87 -19.97 6.73
C ASP B 187 5.01 -20.72 5.41
N THR B 188 3.99 -20.58 4.56
CA THR B 188 3.98 -21.25 3.26
C THR B 188 5.00 -20.64 2.32
N LEU B 189 5.04 -19.31 2.25
CA LEU B 189 6.00 -18.60 1.42
C LEU B 189 7.43 -18.92 1.82
N ILE B 190 7.68 -19.00 3.13
CA ILE B 190 8.99 -19.35 3.66
C ILE B 190 9.34 -20.78 3.28
N HIS B 191 8.35 -21.66 3.37
CA HIS B 191 8.53 -23.07 3.02
C HIS B 191 8.89 -23.22 1.54
N LEU B 192 8.28 -22.39 0.71
CA LEU B 192 8.56 -22.39 -0.73
C LEU B 192 10.00 -22.00 -1.02
N MET B 193 10.45 -20.92 -0.39
CA MET B 193 11.78 -20.38 -0.62
C MET B 193 12.87 -21.32 -0.10
N ALA B 194 12.59 -22.00 1.00
CA ALA B 194 13.52 -22.95 1.58
C ALA B 194 13.74 -24.15 0.67
N LYS B 195 12.68 -24.54 -0.05
CA LYS B 195 12.77 -25.62 -1.02
C LYS B 195 13.52 -25.17 -2.26
N ALA B 196 13.48 -23.87 -2.53
CA ALA B 196 14.19 -23.30 -3.68
C ALA B 196 15.69 -23.23 -3.43
N GLY B 197 16.08 -23.47 -2.17
CA GLY B 197 17.49 -23.52 -1.81
C GLY B 197 18.04 -22.22 -1.25
N LEU B 198 17.14 -21.32 -0.85
CA LEU B 198 17.56 -20.04 -0.29
C LEU B 198 18.03 -20.19 1.15
N THR B 199 18.96 -19.33 1.56
CA THR B 199 19.43 -19.31 2.94
C THR B 199 18.41 -18.60 3.82
N LEU B 200 18.58 -18.71 5.13
CA LEU B 200 17.68 -18.05 6.08
C LEU B 200 17.62 -16.56 5.85
N GLN B 201 18.77 -15.98 5.50
CA GLN B 201 18.83 -14.55 5.21
C GLN B 201 18.12 -14.25 3.89
N GLN B 202 18.35 -15.09 2.89
CA GLN B 202 17.73 -14.92 1.59
C GLN B 202 16.22 -15.16 1.64
N GLN B 203 15.79 -15.99 2.58
CA GLN B 203 14.37 -16.31 2.72
C GLN B 203 13.57 -15.11 3.23
N HIS B 204 14.03 -14.47 4.30
N HIS B 204 14.04 -14.51 4.30
CA HIS B 204 13.27 -13.34 4.85
CA HIS B 204 13.39 -13.35 4.90
C HIS B 204 13.50 -12.07 4.04
C HIS B 204 13.46 -12.15 3.96
N GLN B 205 14.56 -12.04 3.24
CA GLN B 205 14.78 -10.92 2.34
C GLN B 205 13.78 -10.93 1.19
N ARG B 206 13.66 -12.08 0.52
CA ARG B 206 12.72 -12.21 -0.60
C ARG B 206 11.27 -12.04 -0.13
N LEU B 207 10.97 -12.57 1.05
CA LEU B 207 9.66 -12.40 1.66
C LEU B 207 9.32 -10.93 1.83
N ALA B 208 10.29 -10.15 2.26
CA ALA B 208 10.12 -8.72 2.44
C ALA B 208 9.94 -8.02 1.10
N GLN B 209 10.72 -8.44 0.10
CA GLN B 209 10.66 -7.88 -1.24
C GLN B 209 9.28 -8.10 -1.86
N LEU B 210 8.71 -9.26 -1.59
CA LEU B 210 7.40 -9.61 -2.14
C LEU B 210 6.27 -8.80 -1.49
N LEU B 211 6.31 -8.68 -0.18
CA LEU B 211 5.25 -7.99 0.55
C LEU B 211 5.28 -6.48 0.36
N LEU B 212 6.44 -5.95 0.00
CA LEU B 212 6.56 -4.52 -0.29
C LEU B 212 5.96 -4.17 -1.64
N ILE B 213 5.83 -5.17 -2.51
CA ILE B 213 5.21 -4.96 -3.82
C ILE B 213 3.72 -4.72 -3.64
N LEU B 214 3.14 -5.34 -2.61
CA LEU B 214 1.73 -5.19 -2.31
C LEU B 214 1.37 -3.76 -1.96
N SER B 215 2.35 -2.99 -1.48
CA SER B 215 2.15 -1.58 -1.21
C SER B 215 1.93 -0.83 -2.52
N HIS B 216 2.74 -1.16 -3.53
CA HIS B 216 2.61 -0.55 -4.85
C HIS B 216 1.32 -0.97 -5.52
N ILE B 217 0.96 -2.25 -5.36
CA ILE B 217 -0.29 -2.77 -5.89
C ILE B 217 -1.47 -2.03 -5.29
N ARG B 218 -1.37 -1.71 -4.00
CA ARG B 218 -2.40 -0.91 -3.33
C ARG B 218 -2.46 0.48 -3.94
N HIS B 219 -1.31 1.04 -4.25
CA HIS B 219 -1.23 2.37 -4.84
C HIS B 219 -1.91 2.42 -6.20
N MET B 220 -1.62 1.42 -7.03
CA MET B 220 -2.20 1.33 -8.36
C MET B 220 -3.71 1.12 -8.31
N SER B 221 -4.17 0.45 -7.26
CA SER B 221 -5.60 0.21 -7.06
C SER B 221 -6.34 1.52 -6.77
N ASN B 222 -5.83 2.28 -5.80
CA ASN B 222 -6.45 3.54 -5.44
C ASN B 222 -6.43 4.55 -6.58
N LYS B 223 -5.39 4.50 -7.40
CA LYS B 223 -5.30 5.34 -8.58
C LYS B 223 -6.29 4.87 -9.64
N GLY B 224 -6.37 3.55 -9.81
CA GLY B 224 -7.30 2.96 -10.76
C GLY B 224 -8.75 3.22 -10.38
N MET B 225 -9.02 3.26 -9.08
CA MET B 225 -10.37 3.56 -8.58
C MET B 225 -10.80 4.96 -8.97
N GLU B 226 -9.94 5.93 -8.69
CA GLU B 226 -10.22 7.33 -9.01
C GLU B 226 -10.39 7.52 -10.50
N HIS B 227 -9.64 6.74 -11.28
CA HIS B 227 -9.72 6.80 -12.73
C HIS B 227 -11.03 6.20 -13.22
N LEU B 228 -11.39 5.04 -12.66
CA LEU B 228 -12.63 4.37 -12.99
C LEU B 228 -13.84 5.22 -12.60
N TYR B 229 -13.73 5.89 -11.45
CA TYR B 229 -14.78 6.79 -10.99
C TYR B 229 -14.84 8.02 -11.89
N SER B 230 -13.68 8.42 -12.41
CA SER B 230 -13.59 9.55 -13.33
C SER B 230 -14.28 9.23 -14.64
N MET B 231 -14.08 8.01 -15.13
CA MET B 231 -14.68 7.56 -16.37
C MET B 231 -16.20 7.37 -16.20
N LYS B 232 -16.61 7.04 -14.99
CA LYS B 232 -18.03 6.90 -14.66
C LYS B 232 -18.76 8.23 -14.76
N CYS B 233 -18.22 9.26 -14.12
CA CYS B 233 -18.85 10.58 -14.10
C CYS B 233 -18.78 11.25 -15.47
N LYS B 234 -17.75 10.92 -16.25
CA LYS B 234 -17.61 11.45 -17.60
C LYS B 234 -18.56 10.74 -18.56
N ASN B 235 -19.16 9.65 -18.08
CA ASN B 235 -20.13 8.87 -18.85
C ASN B 235 -19.57 8.40 -20.19
N VAL B 236 -18.32 7.95 -20.19
CA VAL B 236 -17.70 7.45 -21.41
C VAL B 236 -17.99 5.96 -21.60
N VAL B 237 -18.23 5.26 -20.49
CA VAL B 237 -18.46 3.83 -20.55
C VAL B 237 -19.52 3.38 -19.54
N PRO B 238 -20.52 2.64 -20.01
CA PRO B 238 -21.55 2.06 -19.13
C PRO B 238 -20.96 0.93 -18.27
N LEU B 239 -21.00 1.12 -16.95
CA LEU B 239 -20.48 0.11 -16.03
C LEU B 239 -21.59 -0.86 -15.65
N SER B 240 -21.22 -2.13 -15.44
CA SER B 240 -22.18 -3.13 -15.00
C SER B 240 -22.63 -2.80 -13.58
N ASP B 241 -23.83 -3.26 -13.22
CA ASP B 241 -24.39 -2.97 -11.91
C ASP B 241 -23.56 -3.55 -10.77
N LEU B 242 -22.88 -4.67 -11.05
CA LEU B 242 -21.96 -5.25 -10.08
C LEU B 242 -20.72 -4.38 -9.92
N LEU B 243 -20.14 -3.98 -11.05
CA LEU B 243 -18.94 -3.14 -11.06
C LEU B 243 -19.24 -1.78 -10.45
N LEU B 244 -20.49 -1.34 -10.56
CA LEU B 244 -20.93 -0.08 -10.00
C LEU B 244 -20.98 -0.16 -8.47
N GLU B 245 -21.42 -1.31 -7.96
CA GLU B 245 -21.46 -1.54 -6.52
C GLU B 245 -20.05 -1.67 -5.95
N MET B 246 -19.16 -2.27 -6.73
CA MET B 246 -17.76 -2.40 -6.33
C MET B 246 -17.09 -1.04 -6.28
N LEU B 247 -17.56 -0.12 -7.12
CA LEU B 247 -16.98 1.22 -7.21
C LEU B 247 -17.54 2.13 -6.12
N ASP B 248 -18.80 1.90 -5.75
CA ASP B 248 -19.44 2.71 -4.71
C ASP B 248 -18.98 2.30 -3.32
N ALA B 249 -18.36 1.12 -3.23
CA ALA B 249 -17.86 0.61 -1.96
C ALA B 249 -16.69 1.44 -1.43
N HIS B 250 -16.05 2.18 -2.33
CA HIS B 250 -14.91 3.01 -1.96
C HIS B 250 -15.30 4.46 -1.75
N ARG B 251 -16.28 4.93 -2.51
CA ARG B 251 -16.82 6.29 -2.40
C ARG B 251 -15.72 7.34 -2.56
N LEU B 252 -15.56 7.85 -3.78
CA LEU B 252 -14.38 8.64 -4.09
C LEU B 252 -14.63 10.12 -4.37
N HIS B 253 -13.86 10.67 -5.31
CA HIS B 253 -13.77 12.10 -5.58
C HIS B 253 -13.24 12.84 -4.36
N HIS C 2 12.82 25.15 -10.28
CA HIS C 2 12.75 25.80 -8.98
C HIS C 2 11.92 24.97 -8.00
N LYS C 3 12.60 24.29 -7.08
CA LYS C 3 11.93 23.42 -6.12
C LYS C 3 12.37 23.72 -4.69
N ILE C 4 11.41 23.93 -3.81
CA ILE C 4 11.71 24.16 -2.41
C ILE C 4 12.37 22.93 -1.82
N LEU C 5 11.93 21.77 -2.27
CA LEU C 5 12.49 20.49 -1.83
C LEU C 5 13.96 20.36 -2.22
N HIS C 6 14.33 20.96 -3.35
CA HIS C 6 15.72 20.97 -3.80
C HIS C 6 16.60 21.67 -2.78
N ARG C 7 16.19 22.87 -2.39
CA ARG C 7 16.94 23.68 -1.44
C ARG C 7 17.08 22.99 -0.09
N LEU C 8 15.97 22.47 0.43
CA LEU C 8 15.96 21.84 1.75
C LEU C 8 16.89 20.64 1.82
N LEU C 9 16.94 19.86 0.76
CA LEU C 9 17.75 18.65 0.73
C LEU C 9 19.25 18.94 0.76
N GLN C 10 19.69 19.94 -0.01
CA GLN C 10 21.11 20.21 -0.16
C GLN C 10 21.62 21.31 0.78
N ASP C 11 20.75 21.82 1.64
CA ASP C 11 21.16 22.82 2.63
C ASP C 11 21.35 22.19 4.00
N SER C 12 20.33 21.46 4.46
CA SER C 12 20.35 20.81 5.77
C SER C 12 20.62 21.79 6.90
N LYS D 3 -27.23 -6.55 -2.19
CA LYS D 3 -26.07 -6.32 -3.05
C LYS D 3 -25.83 -7.49 -3.98
N ILE D 4 -25.31 -7.20 -5.17
CA ILE D 4 -25.00 -8.24 -6.15
C ILE D 4 -23.90 -9.16 -5.63
N LEU D 5 -22.89 -8.56 -5.01
CA LEU D 5 -21.79 -9.31 -4.40
C LEU D 5 -22.30 -10.25 -3.32
N HIS D 6 -23.39 -9.86 -2.68
CA HIS D 6 -23.98 -10.64 -1.60
C HIS D 6 -24.58 -11.94 -2.12
N ARG D 7 -25.34 -11.84 -3.20
CA ARG D 7 -26.00 -13.00 -3.80
C ARG D 7 -24.99 -14.01 -4.32
N LEU D 8 -24.01 -13.53 -5.05
CA LEU D 8 -23.02 -14.40 -5.71
C LEU D 8 -22.17 -15.13 -4.68
N LEU D 9 -21.96 -14.51 -3.52
CA LEU D 9 -21.24 -15.16 -2.44
C LEU D 9 -22.09 -16.21 -1.76
N GLN D 10 -23.40 -16.10 -1.91
CA GLN D 10 -24.35 -17.02 -1.30
C GLN D 10 -24.54 -18.30 -2.12
N ASP D 11 -24.55 -18.15 -3.44
CA ASP D 11 -24.88 -19.23 -4.37
C ASP D 11 -24.14 -20.53 -4.07
O01 5P1 E . 2.30 14.39 11.64
C02 5P1 E . 1.21 14.54 10.81
C03 5P1 E . 0.68 15.81 10.58
C04 5P1 E . -0.41 15.95 9.73
C05 5P1 E . -0.98 14.85 9.10
C06 5P1 E . -2.09 15.00 8.26
N07 5P1 E . -3.26 14.37 8.44
C08 5P1 E . -4.14 14.75 7.45
C09 5P1 E . -5.50 14.33 7.24
C10 5P1 E . -6.20 14.86 6.16
C11 5P1 E . -5.57 15.79 5.32
O12 5P1 E . -6.25 16.31 4.25
C13 5P1 E . -4.24 16.16 5.57
N14 5P1 E . -3.55 15.63 6.65
C15 5P1 E . -2.25 15.83 7.12
C16 5P1 E . -1.22 16.74 6.51
F17 5P1 E . -1.40 17.97 6.97
F18 5P1 E . 0.02 16.36 6.82
F19 5P1 E . -1.36 16.73 5.19
C20 5P1 E . -0.44 13.58 9.34
C21 5P1 E . 0.65 13.42 10.18
O01 5P1 F . -7.83 -7.97 -15.26
C02 5P1 F . -8.01 -6.65 -15.21
C03 5P1 F . -9.10 -6.09 -15.77
C04 5P1 F . -9.22 -4.75 -15.68
C05 5P1 F . -8.32 -3.97 -15.01
C06 5P1 F . -8.50 -2.62 -14.98
N07 5P1 F . -7.55 -1.78 -15.29
C08 5P1 F . -8.04 -0.53 -15.21
C09 5P1 F . -7.37 0.66 -15.47
C10 5P1 F . -8.06 1.82 -15.33
C11 5P1 F . -9.37 1.77 -14.94
O12 5P1 F . -10.05 2.93 -14.82
C13 5P1 F . -9.97 0.58 -14.72
N14 5P1 F . -9.27 -0.57 -14.85
C15 5P1 F . -9.62 -1.86 -14.70
C16 5P1 F . -10.92 -2.34 -14.27
F17 5P1 F . -11.81 -2.08 -15.11
F18 5P1 F . -10.93 -3.57 -14.01
F19 5P1 F . -11.29 -1.85 -13.17
C20 5P1 F . -7.21 -4.55 -14.46
C21 5P1 F . -7.08 -5.90 -14.55
#